data_3QO7
#
_entry.id   3QO7
#
_cell.length_a   91.152
_cell.length_b   91.152
_cell.length_c   275.839
_cell.angle_alpha   90.00
_cell.angle_beta   90.00
_cell.angle_gamma   120.00
#
_symmetry.space_group_name_H-M   'P 61 2 2'
#
loop_
_entity.id
_entity.type
_entity.pdbx_description
1 polymer 'Seryl-tRNA synthetase, cytoplasmic'
2 non-polymer "ADENOSINE-5'-TRIPHOSPHATE"
3 water water
#
_entity_poly.entity_id   1
_entity_poly.type   'polypeptide(L)'
_entity_poly.pdbx_seq_one_letter_code
;MLDINAFLVEKGGDPEIIKASQKKRGDSVELVDEIIAEYKEWVKLRFDLDEHNKKLNSVQKEIGKRFKAKEDAKDLIAEK
EKLSNEKKEIIEKEAEADKNLRSKINQVGNIVHESVVDSQDEENNELVRTWTPENYKKPEQIAAATGAPAKLSHHEVLLR
LDGYDPERGVRIVGHRGYFLRNYGVFLNQALINYGLSFLSSKGYVPLQAPVMMNKEVMAKTAQLSQFDEELYKVIDGEDE
KYLIATSEQPISAYHAGEWFESPAEQLPVRYAGYSSCFRREAGSHGKDAWGIFRVHAFEKIEQFVLTEPEKSWEEFDRMI
GCSEEFYQSLGLPYRVVGIVSGELNNAAAKKYDLEAWFPFQQEYKELVSCSNCTDYQSRNLEIRCGIKQQNQQEKKYVHC
LNSTLSATERTICCILENYQKEDGLVIPEVLRKYIPGEPEFIPYIKELPKNTTSVKKAKGKNPKNTTSVKKAKGKNGSRH
HHHHH
;
_entity_poly.pdbx_strand_id   A
#
# COMPACT_ATOMS: atom_id res chain seq x y z
N MET A 1 7.93 4.43 -9.13
CA MET A 1 8.10 5.82 -9.51
C MET A 1 7.48 6.06 -10.89
N LEU A 2 7.31 7.34 -11.23
CA LEU A 2 6.86 7.75 -12.57
C LEU A 2 7.95 7.42 -13.62
N ASP A 3 7.56 7.32 -14.88
CA ASP A 3 8.55 7.16 -15.94
C ASP A 3 9.41 8.42 -16.07
N ILE A 4 10.70 8.23 -16.32
CA ILE A 4 11.60 9.35 -16.63
C ILE A 4 11.05 10.24 -17.77
N ASN A 5 10.58 9.64 -18.85
CA ASN A 5 9.94 10.36 -19.95
C ASN A 5 8.76 11.24 -19.57
N ALA A 6 8.11 10.95 -18.45
CA ALA A 6 6.99 11.80 -18.04
C ALA A 6 7.48 13.21 -17.67
N PHE A 7 8.78 13.33 -17.37
CA PHE A 7 9.31 14.64 -17.03
C PHE A 7 9.76 15.44 -18.25
N LEU A 8 9.81 14.79 -19.43
CA LEU A 8 10.50 15.38 -20.59
C LEU A 8 9.54 15.78 -21.70
N VAL A 9 9.30 17.08 -21.88
CA VAL A 9 8.42 17.51 -22.95
C VAL A 9 8.89 16.92 -24.29
N GLU A 10 10.19 16.82 -24.50
CA GLU A 10 10.74 16.45 -25.81
C GLU A 10 10.50 14.97 -26.12
N LYS A 11 10.32 14.18 -25.07
CA LYS A 11 9.97 12.78 -25.23
C LYS A 11 8.50 12.50 -24.96
N GLY A 12 7.64 13.48 -25.22
CA GLY A 12 6.20 13.28 -25.09
C GLY A 12 5.67 13.43 -23.67
N GLY A 13 6.55 13.69 -22.72
CA GLY A 13 6.14 13.89 -21.35
C GLY A 13 5.33 15.14 -21.09
N ASP A 14 4.91 15.32 -19.84
CA ASP A 14 4.16 16.49 -19.42
C ASP A 14 4.61 17.00 -18.04
N PRO A 15 5.81 17.58 -17.95
CA PRO A 15 6.30 18.01 -16.63
C PRO A 15 5.32 18.94 -15.90
N GLU A 16 4.40 19.58 -16.61
CA GLU A 16 3.48 20.50 -15.95
C GLU A 16 2.42 19.76 -15.11
N ILE A 17 1.91 18.66 -15.64
CA ILE A 17 0.95 17.85 -14.93
C ILE A 17 1.61 17.39 -13.63
N ILE A 18 2.91 17.15 -13.69
CA ILE A 18 3.66 16.64 -12.53
C ILE A 18 3.84 17.70 -11.44
N LYS A 19 4.20 18.91 -11.84
CA LYS A 19 4.25 20.04 -10.94
C LYS A 19 2.88 20.27 -10.29
N ALA A 20 1.82 20.34 -11.08
CA ALA A 20 0.49 20.49 -10.50
C ALA A 20 0.22 19.38 -9.45
N SER A 21 0.56 18.14 -9.79
CA SER A 21 0.33 17.03 -8.88
C SER A 21 1.10 17.22 -7.57
N GLN A 22 2.37 17.59 -7.68
CA GLN A 22 3.16 17.85 -6.47
C GLN A 22 2.53 18.93 -5.56
N LYS A 23 1.97 19.96 -6.18
CA LYS A 23 1.32 21.04 -5.44
C LYS A 23 0.08 20.53 -4.70
N LYS A 24 -0.80 19.82 -5.39
CA LYS A 24 -1.93 19.19 -4.71
C LYS A 24 -1.49 18.30 -3.56
N ARG A 25 -0.35 17.63 -3.70
CA ARG A 25 0.18 16.73 -2.65
C ARG A 25 0.71 17.49 -1.44
N GLY A 26 1.14 18.72 -1.71
CA GLY A 26 1.85 19.54 -0.73
C GLY A 26 3.33 19.22 -0.68
N ASP A 27 3.81 18.46 -1.68
CA ASP A 27 5.23 18.09 -1.78
C ASP A 27 6.01 19.04 -2.71
N SER A 28 7.32 18.92 -2.70
CA SER A 28 8.24 19.80 -3.44
C SER A 28 8.00 19.88 -4.95
N VAL A 29 7.86 21.09 -5.47
CA VAL A 29 7.66 21.30 -6.90
C VAL A 29 8.97 21.54 -7.65
N GLU A 30 9.95 22.11 -6.98
CA GLU A 30 11.23 22.43 -7.60
C GLU A 30 11.91 21.13 -8.04
N LEU A 31 11.54 20.06 -7.34
CA LEU A 31 12.02 18.71 -7.61
C LEU A 31 11.84 18.32 -9.08
N VAL A 32 10.79 18.82 -9.72
CA VAL A 32 10.57 18.50 -11.14
C VAL A 32 11.63 19.15 -12.04
N ASP A 33 11.91 20.43 -11.81
CA ASP A 33 12.93 21.11 -12.60
C ASP A 33 14.30 20.51 -12.31
N GLU A 34 14.55 20.18 -11.05
CA GLU A 34 15.81 19.55 -10.73
C GLU A 34 16.02 18.30 -11.58
N ILE A 35 14.99 17.47 -11.64
CA ILE A 35 15.06 16.21 -12.36
C ILE A 35 15.33 16.46 -13.85
N ILE A 36 14.63 17.43 -14.43
CA ILE A 36 14.81 17.78 -15.83
C ILE A 36 16.25 18.23 -16.10
N ALA A 37 16.83 19.01 -15.19
CA ALA A 37 18.21 19.46 -15.34
C ALA A 37 19.18 18.31 -15.28
N GLU A 38 19.02 17.46 -14.28
CA GLU A 38 19.92 16.34 -14.08
C GLU A 38 19.87 15.49 -15.32
N TYR A 39 18.66 15.34 -15.86
CA TYR A 39 18.48 14.56 -17.06
C TYR A 39 19.36 15.04 -18.23
N LYS A 40 19.41 16.37 -18.43
CA LYS A 40 20.29 16.94 -19.45
C LYS A 40 21.79 16.69 -19.19
N GLU A 41 22.23 16.82 -17.94
CA GLU A 41 23.62 16.51 -17.61
C GLU A 41 23.93 15.04 -17.94
N TRP A 42 23.01 14.17 -17.56
CA TRP A 42 23.19 12.77 -17.81
C TRP A 42 23.30 12.51 -19.30
N VAL A 43 22.45 13.16 -20.09
CA VAL A 43 22.50 13.01 -21.55
C VAL A 43 23.84 13.51 -22.11
N LYS A 44 24.33 14.64 -21.58
CA LYS A 44 25.64 15.15 -21.98
C LYS A 44 26.75 14.12 -21.73
N LEU A 45 26.72 13.52 -20.56
CA LEU A 45 27.65 12.45 -20.22
C LEU A 45 27.49 11.29 -21.21
N ARG A 46 26.25 10.85 -21.49
CA ARG A 46 26.08 9.78 -22.49
C ARG A 46 26.75 10.11 -23.84
N PHE A 47 26.65 11.37 -24.27
CA PHE A 47 27.18 11.76 -25.56
C PHE A 47 28.68 11.78 -25.56
N ASP A 48 29.25 12.40 -24.53
CA ASP A 48 30.69 12.46 -24.31
C ASP A 48 31.27 11.05 -24.21
N LEU A 49 30.69 10.21 -23.38
CA LEU A 49 31.07 8.81 -23.32
C LEU A 49 31.08 8.18 -24.71
N ASP A 50 29.99 8.37 -25.44
CA ASP A 50 29.82 7.82 -26.76
C ASP A 50 30.89 8.35 -27.76
N GLU A 51 31.18 9.65 -27.70
CA GLU A 51 32.20 10.25 -28.56
C GLU A 51 33.59 9.75 -28.21
N HIS A 52 33.82 9.54 -26.91
CA HIS A 52 35.07 8.93 -26.45
C HIS A 52 35.20 7.50 -27.00
N ASN A 53 34.12 6.72 -26.96
CA ASN A 53 34.18 5.39 -27.59
C ASN A 53 34.74 5.50 -29.00
N LYS A 54 34.08 6.32 -29.83
CA LYS A 54 34.49 6.44 -31.24
C LYS A 54 35.90 6.96 -31.48
N LYS A 55 36.34 7.93 -30.67
CA LYS A 55 37.69 8.47 -30.77
C LYS A 55 38.74 7.44 -30.38
N LEU A 56 38.46 6.70 -29.31
CA LEU A 56 39.33 5.61 -28.92
C LEU A 56 39.45 4.59 -30.05
N ASN A 57 38.32 4.17 -30.62
CA ASN A 57 38.35 3.23 -31.75
C ASN A 57 39.28 3.73 -32.87
N SER A 58 39.13 5.00 -33.25
CA SER A 58 39.96 5.58 -34.29
C SER A 58 41.43 5.52 -33.91
N VAL A 59 41.76 6.07 -32.74
CA VAL A 59 43.14 6.14 -32.30
C VAL A 59 43.72 4.73 -32.12
N GLN A 60 42.86 3.74 -31.94
CA GLN A 60 43.32 2.34 -31.89
C GLN A 60 43.76 1.85 -33.25
N LYS A 61 42.96 2.19 -34.26
CA LYS A 61 43.21 1.76 -35.64
C LYS A 61 44.42 2.46 -36.25
N GLU A 62 44.70 3.68 -35.82
CA GLU A 62 45.91 4.36 -36.28
C GLU A 62 47.15 3.77 -35.63
N ILE A 63 47.03 3.42 -34.35
CA ILE A 63 48.13 2.79 -33.61
C ILE A 63 48.49 1.41 -34.18
N GLY A 64 47.48 0.69 -34.69
CA GLY A 64 47.71 -0.61 -35.30
C GLY A 64 48.45 -0.49 -36.62
N LYS A 65 48.06 0.51 -37.41
CA LYS A 65 48.70 0.79 -38.69
C LYS A 65 50.18 1.15 -38.50
N ARG A 66 50.47 1.92 -37.46
CA ARG A 66 51.84 2.35 -37.16
C ARG A 66 52.74 1.19 -36.69
N PHE A 67 52.15 0.26 -35.94
CA PHE A 67 52.84 -0.95 -35.49
C PHE A 67 53.02 -1.90 -36.67
N LYS A 68 52.17 -1.76 -37.68
CA LYS A 68 52.30 -2.53 -38.90
C LYS A 68 53.46 -2.00 -39.74
N ALA A 69 53.51 -0.67 -39.90
CA ALA A 69 54.60 -0.03 -40.64
C ALA A 69 55.93 -0.04 -39.88
N LYS A 70 55.91 -0.59 -38.67
CA LYS A 70 57.08 -0.60 -37.78
C LYS A 70 57.56 0.82 -37.46
N GLU A 71 56.59 1.72 -37.21
CA GLU A 71 56.89 3.10 -36.87
C GLU A 71 56.53 3.40 -35.42
N ASP A 72 57.30 4.29 -34.81
CA ASP A 72 57.08 4.75 -33.45
C ASP A 72 55.65 5.25 -33.31
N ALA A 73 55.01 4.97 -32.18
CA ALA A 73 53.66 5.48 -31.89
C ALA A 73 53.53 6.21 -30.53
N LYS A 74 54.61 6.87 -30.10
CA LYS A 74 54.64 7.54 -28.78
C LYS A 74 53.63 8.69 -28.62
N ASP A 75 53.22 9.27 -29.75
CA ASP A 75 52.26 10.37 -29.78
C ASP A 75 50.81 9.89 -29.78
N LEU A 76 50.54 8.80 -30.51
CA LEU A 76 49.22 8.18 -30.54
C LEU A 76 48.92 7.49 -29.23
N ILE A 77 49.92 6.78 -28.71
CA ILE A 77 49.77 6.09 -27.44
C ILE A 77 49.42 7.08 -26.34
N ALA A 78 50.04 8.26 -26.41
CA ALA A 78 49.79 9.34 -25.46
C ALA A 78 48.36 9.85 -25.58
N GLU A 79 47.84 9.89 -26.80
CA GLU A 79 46.49 10.37 -26.99
C GLU A 79 45.51 9.31 -26.55
N LYS A 80 45.86 8.06 -26.80
CA LYS A 80 45.03 6.94 -26.38
C LYS A 80 44.84 6.97 -24.87
N GLU A 81 45.91 7.29 -24.14
CA GLU A 81 45.87 7.31 -22.69
C GLU A 81 45.16 8.52 -22.12
N LYS A 82 45.21 9.63 -22.86
CA LYS A 82 44.49 10.84 -22.49
C LYS A 82 42.99 10.59 -22.62
N LEU A 83 42.58 10.14 -23.81
CA LEU A 83 41.19 9.80 -24.08
C LEU A 83 40.66 8.81 -23.05
N SER A 84 41.52 7.85 -22.71
CA SER A 84 41.15 6.74 -21.84
C SER A 84 40.95 7.20 -20.40
N ASN A 85 41.87 8.05 -19.91
CA ASN A 85 41.73 8.58 -18.55
C ASN A 85 40.44 9.39 -18.42
N GLU A 86 40.09 10.08 -19.50
CA GLU A 86 38.83 10.81 -19.58
C GLU A 86 37.64 9.88 -19.59
N LYS A 87 37.70 8.82 -20.41
CA LYS A 87 36.59 7.88 -20.45
C LYS A 87 36.34 7.37 -19.03
N LYS A 88 37.41 7.21 -18.24
CA LYS A 88 37.24 6.77 -16.85
C LYS A 88 36.43 7.78 -16.04
N GLU A 89 36.84 9.04 -16.04
CA GLU A 89 36.10 10.02 -15.28
C GLU A 89 34.63 10.06 -15.70
N ILE A 90 34.41 10.21 -17.00
CA ILE A 90 33.07 10.23 -17.55
C ILE A 90 32.23 9.04 -17.07
N ILE A 91 32.79 7.83 -17.14
CA ILE A 91 32.07 6.64 -16.69
C ILE A 91 31.62 6.75 -15.22
N GLU A 92 32.54 7.22 -14.39
CA GLU A 92 32.27 7.38 -12.96
C GLU A 92 31.17 8.44 -12.67
N LYS A 93 31.15 9.48 -13.49
CA LYS A 93 30.19 10.56 -13.34
C LYS A 93 28.80 10.20 -13.89
N GLU A 94 28.77 9.45 -14.99
CA GLU A 94 27.52 9.08 -15.59
C GLU A 94 26.76 8.19 -14.61
N ALA A 95 27.51 7.36 -13.91
CA ALA A 95 26.94 6.44 -12.95
C ALA A 95 26.39 7.21 -11.76
N GLU A 96 27.09 8.26 -11.35
N GLU A 96 27.11 8.26 -11.37
CA GLU A 96 26.66 9.04 -10.21
CA GLU A 96 26.70 9.09 -10.24
C GLU A 96 25.46 9.90 -10.59
C GLU A 96 25.48 9.90 -10.60
N ALA A 97 25.39 10.30 -11.86
CA ALA A 97 24.29 11.11 -12.35
C ALA A 97 23.04 10.26 -12.44
N ASP A 98 23.19 9.10 -13.04
CA ASP A 98 22.12 8.13 -13.07
C ASP A 98 21.61 7.88 -11.64
N LYS A 99 22.53 7.72 -10.69
CA LYS A 99 22.14 7.33 -9.35
C LYS A 99 21.29 8.40 -8.68
N ASN A 100 21.71 9.66 -8.81
CA ASN A 100 21.02 10.79 -8.18
C ASN A 100 19.69 11.10 -8.84
N LEU A 101 19.67 10.99 -10.16
CA LEU A 101 18.46 11.18 -10.93
C LEU A 101 17.39 10.20 -10.48
N ARG A 102 17.76 8.91 -10.39
CA ARG A 102 16.84 7.88 -9.94
C ARG A 102 16.34 8.12 -8.52
N SER A 103 17.24 8.58 -7.66
CA SER A 103 16.86 8.83 -6.28
C SER A 103 15.87 9.98 -6.23
N LYS A 104 16.06 10.96 -7.11
CA LYS A 104 15.20 12.15 -7.14
C LYS A 104 13.83 11.86 -7.69
N ILE A 105 13.77 11.15 -8.82
CA ILE A 105 12.49 10.70 -9.37
C ILE A 105 11.74 9.86 -8.35
N ASN A 106 12.49 9.17 -7.49
CA ASN A 106 11.90 8.31 -6.49
C ASN A 106 11.11 9.03 -5.40
N GLN A 107 11.41 10.31 -5.20
CA GLN A 107 10.70 11.13 -4.23
C GLN A 107 9.40 11.74 -4.78
N VAL A 108 9.17 11.63 -6.09
CA VAL A 108 8.00 12.27 -6.70
C VAL A 108 6.77 11.36 -6.63
N GLY A 109 5.70 11.87 -6.02
CA GLY A 109 4.50 11.09 -5.85
C GLY A 109 3.83 10.81 -7.18
N ASN A 110 2.94 9.82 -7.16
CA ASN A 110 2.15 9.47 -8.33
C ASN A 110 1.27 10.64 -8.73
N ILE A 111 0.80 10.64 -9.97
CA ILE A 111 -0.02 11.75 -10.44
C ILE A 111 -1.37 11.68 -9.77
N VAL A 112 -1.76 12.73 -9.09
CA VAL A 112 -3.05 12.72 -8.44
C VAL A 112 -4.15 12.80 -9.48
N HIS A 113 -5.00 11.78 -9.51
CA HIS A 113 -6.14 11.75 -10.42
C HIS A 113 -7.01 13.02 -10.31
N GLU A 114 -7.51 13.52 -11.44
CA GLU A 114 -8.29 14.77 -11.43
C GLU A 114 -9.51 14.71 -10.51
N SER A 115 -10.10 13.54 -10.32
CA SER A 115 -11.29 13.46 -9.49
C SER A 115 -11.03 13.78 -8.00
N VAL A 116 -9.77 13.69 -7.56
CA VAL A 116 -9.40 13.94 -6.17
C VAL A 116 -9.52 15.43 -5.77
N VAL A 117 -10.10 15.70 -4.60
CA VAL A 117 -10.14 17.06 -4.03
C VAL A 117 -8.75 17.65 -3.77
N ASP A 118 -8.49 18.85 -4.29
CA ASP A 118 -7.23 19.54 -4.03
C ASP A 118 -7.27 20.27 -2.70
N SER A 119 -6.59 19.72 -1.69
CA SER A 119 -6.65 20.22 -0.32
C SER A 119 -5.68 19.48 0.60
N GLN A 120 -5.20 20.16 1.64
CA GLN A 120 -4.38 19.51 2.66
C GLN A 120 -5.19 19.23 3.93
N ASP A 121 -6.49 19.47 3.89
CA ASP A 121 -7.30 19.32 5.10
C ASP A 121 -8.40 18.28 4.90
N GLU A 122 -8.33 17.21 5.68
CA GLU A 122 -9.31 16.13 5.61
C GLU A 122 -10.78 16.53 5.81
N GLU A 123 -11.01 17.73 6.35
CA GLU A 123 -12.34 18.31 6.43
C GLU A 123 -12.99 18.30 5.05
N ASN A 124 -12.15 18.40 4.02
CA ASN A 124 -12.63 18.51 2.66
C ASN A 124 -12.76 17.20 1.93
N ASN A 125 -12.49 16.09 2.60
CA ASN A 125 -12.77 14.78 2.04
C ASN A 125 -14.15 14.72 1.37
N GLU A 126 -14.17 14.24 0.13
CA GLU A 126 -15.42 14.05 -0.56
CA GLU A 126 -15.40 14.02 -0.60
C GLU A 126 -16.23 13.02 0.20
N LEU A 127 -17.48 13.34 0.50
CA LEU A 127 -18.39 12.35 1.02
C LEU A 127 -19.04 11.65 -0.16
N VAL A 128 -18.57 10.43 -0.44
CA VAL A 128 -18.95 9.69 -1.64
C VAL A 128 -20.33 9.05 -1.50
N ARG A 129 -20.48 8.15 -0.55
CA ARG A 129 -21.81 7.62 -0.28
C ARG A 129 -21.93 7.23 1.18
N THR A 130 -23.15 6.99 1.64
CA THR A 130 -23.42 6.65 3.03
C THR A 130 -24.32 5.42 2.98
N TRP A 131 -24.22 4.55 3.97
CA TRP A 131 -25.11 3.39 4.01
C TRP A 131 -25.48 3.00 5.42
N THR A 132 -26.72 2.53 5.58
CA THR A 132 -27.27 2.19 6.89
C THR A 132 -28.08 0.90 6.73
N PRO A 133 -28.04 0.00 7.74
CA PRO A 133 -28.96 -1.15 7.72
C PRO A 133 -30.38 -0.60 7.81
N GLU A 134 -31.37 -1.20 7.17
CA GLU A 134 -32.68 -0.52 7.04
C GLU A 134 -33.53 -0.38 8.33
N ASN A 135 -33.17 -1.14 9.36
CA ASN A 135 -33.81 -1.17 10.65
CA ASN A 135 -33.92 -1.06 10.61
C ASN A 135 -33.20 -0.17 11.63
N TYR A 136 -32.33 0.67 11.11
CA TYR A 136 -31.52 1.59 11.89
C TYR A 136 -31.73 2.99 11.34
N LYS A 137 -32.39 3.80 12.16
CA LYS A 137 -32.88 5.12 11.81
C LYS A 137 -31.76 6.05 11.32
N LYS A 138 -30.71 6.17 12.10
CA LYS A 138 -29.62 7.11 11.82
C LYS A 138 -28.42 6.82 12.69
N PRO A 139 -27.25 7.32 12.28
CA PRO A 139 -26.08 7.08 13.13
C PRO A 139 -26.18 7.84 14.45
N GLU A 140 -26.25 7.08 15.54
CA GLU A 140 -26.32 7.65 16.89
C GLU A 140 -25.77 6.64 17.90
N GLN A 141 -25.93 6.92 19.18
CA GLN A 141 -25.43 6.03 20.21
C GLN A 141 -26.35 4.83 20.45
N ILE A 142 -26.74 4.15 19.37
CA ILE A 142 -27.54 2.95 19.45
C ILE A 142 -26.77 1.89 18.68
N ALA A 143 -26.64 0.70 19.27
CA ALA A 143 -25.99 -0.43 18.63
C ALA A 143 -26.88 -0.90 17.48
N ALA A 144 -26.37 -0.80 16.25
CA ALA A 144 -27.24 -0.90 15.04
C ALA A 144 -27.94 -2.23 14.84
N ALA A 145 -27.31 -3.32 15.24
CA ALA A 145 -27.86 -4.64 15.00
C ALA A 145 -28.92 -5.04 16.03
N THR A 146 -28.82 -4.49 17.23
CA THR A 146 -29.71 -4.89 18.33
C THR A 146 -30.76 -3.83 18.69
N GLY A 147 -30.52 -2.58 18.30
CA GLY A 147 -31.39 -1.50 18.74
C GLY A 147 -31.12 -1.02 20.17
N ALA A 148 -30.27 -1.76 20.89
CA ALA A 148 -29.91 -1.44 22.27
C ALA A 148 -28.97 -0.23 22.39
N PRO A 149 -28.96 0.44 23.55
CA PRO A 149 -28.08 1.60 23.80
C PRO A 149 -26.63 1.20 23.68
N ALA A 150 -25.82 1.98 22.97
CA ALA A 150 -24.41 1.63 22.78
C ALA A 150 -23.71 2.12 24.02
N LYS A 151 -23.91 1.35 25.07
CA LYS A 151 -23.59 1.76 26.41
C LYS A 151 -22.10 1.52 26.68
N LEU A 152 -21.55 0.47 26.06
CA LEU A 152 -20.19 0.06 26.30
C LEU A 152 -19.29 0.29 25.09
N SER A 153 -18.04 0.67 25.33
CA SER A 153 -17.03 0.75 24.25
C SER A 153 -16.54 -0.66 23.84
N HIS A 154 -15.91 -0.76 22.66
CA HIS A 154 -15.49 -2.06 22.18
C HIS A 154 -14.58 -2.73 23.18
N HIS A 155 -13.67 -1.94 23.75
CA HIS A 155 -12.78 -2.48 24.77
C HIS A 155 -13.63 -3.04 25.94
N GLU A 156 -14.65 -2.31 26.35
CA GLU A 156 -15.49 -2.74 27.45
C GLU A 156 -16.28 -4.00 27.12
N VAL A 157 -16.89 -4.06 25.96
CA VAL A 157 -17.61 -5.24 25.54
C VAL A 157 -16.68 -6.46 25.52
N LEU A 158 -15.54 -6.34 24.83
CA LEU A 158 -14.59 -7.44 24.73
C LEU A 158 -14.20 -7.97 26.11
N LEU A 159 -14.04 -7.05 27.05
CA LEU A 159 -13.61 -7.41 28.38
C LEU A 159 -14.72 -8.13 29.17
N ARG A 160 -15.94 -7.64 29.05
CA ARG A 160 -17.05 -8.29 29.71
C ARG A 160 -17.28 -9.70 29.16
N LEU A 161 -16.96 -9.91 27.87
CA LEU A 161 -17.11 -11.23 27.24
C LEU A 161 -15.96 -12.15 27.61
N ASP A 162 -14.99 -11.60 28.32
CA ASP A 162 -13.76 -12.30 28.60
C ASP A 162 -13.11 -12.74 27.28
N GLY A 163 -13.05 -11.81 26.33
CA GLY A 163 -12.60 -12.16 25.01
C GLY A 163 -11.20 -11.71 24.72
N TYR A 164 -10.61 -10.95 25.64
CA TYR A 164 -9.23 -10.57 25.42
C TYR A 164 -8.58 -10.23 26.72
N ASP A 165 -7.26 -10.16 26.70
CA ASP A 165 -6.51 -9.86 27.90
C ASP A 165 -5.41 -8.83 27.64
N PRO A 166 -5.71 -7.55 27.85
CA PRO A 166 -4.70 -6.51 27.64
C PRO A 166 -3.71 -6.46 28.79
N GLU A 167 -4.20 -6.76 29.99
CA GLU A 167 -3.34 -6.65 31.16
C GLU A 167 -2.16 -7.65 31.09
N ARG A 168 -2.46 -8.93 30.86
CA ARG A 168 -1.38 -9.88 30.71
C ARG A 168 -0.62 -9.65 29.39
N GLY A 169 -1.31 -9.12 28.39
CA GLY A 169 -0.64 -8.82 27.13
C GLY A 169 0.43 -7.77 27.30
N VAL A 170 0.17 -6.76 28.11
CA VAL A 170 1.15 -5.68 28.23
C VAL A 170 2.36 -6.13 29.03
N ARG A 171 2.12 -6.97 30.04
CA ARG A 171 3.18 -7.43 30.91
C ARG A 171 4.18 -8.24 30.10
N ILE A 172 3.65 -8.99 29.15
CA ILE A 172 4.46 -9.89 28.34
C ILE A 172 5.11 -9.27 27.10
N VAL A 173 4.41 -8.35 26.42
CA VAL A 173 4.96 -7.81 25.18
C VAL A 173 5.11 -6.31 25.18
N GLY A 174 4.54 -5.64 26.18
CA GLY A 174 4.64 -4.19 26.25
C GLY A 174 3.40 -3.47 25.73
N HIS A 175 3.63 -2.25 25.27
CA HIS A 175 2.59 -1.29 24.85
C HIS A 175 1.57 -1.91 23.88
N ARG A 176 0.30 -1.94 24.28
CA ARG A 176 -0.77 -2.44 23.42
C ARG A 176 -0.70 -3.94 23.15
N GLY A 177 0.11 -4.67 23.91
CA GLY A 177 0.15 -6.11 23.73
C GLY A 177 -1.12 -6.75 24.23
N TYR A 178 -1.55 -7.83 23.60
CA TYR A 178 -2.79 -8.47 24.03
C TYR A 178 -2.82 -9.95 23.62
N PHE A 179 -3.58 -10.74 24.39
CA PHE A 179 -4.02 -12.05 23.97
C PHE A 179 -5.48 -11.95 23.59
N LEU A 180 -5.91 -12.74 22.60
CA LEU A 180 -7.34 -12.96 22.38
C LEU A 180 -7.70 -14.23 23.14
N ARG A 181 -8.93 -14.27 23.65
CA ARG A 181 -9.34 -15.33 24.55
C ARG A 181 -10.74 -15.79 24.15
N ASN A 182 -10.95 -17.10 24.12
CA ASN A 182 -12.27 -17.63 23.89
C ASN A 182 -12.89 -17.10 22.61
N TYR A 183 -14.07 -16.51 22.78
CA TYR A 183 -14.80 -16.03 21.63
C TYR A 183 -14.06 -14.91 20.89
N GLY A 184 -13.11 -14.27 21.56
CA GLY A 184 -12.30 -13.26 20.90
C GLY A 184 -11.49 -13.98 19.82
N VAL A 185 -10.94 -15.14 20.17
CA VAL A 185 -10.26 -15.98 19.19
C VAL A 185 -11.19 -16.46 18.07
N PHE A 186 -12.37 -16.97 18.41
CA PHE A 186 -13.30 -17.47 17.40
C PHE A 186 -13.81 -16.37 16.48
N LEU A 187 -13.96 -15.15 17.00
CA LEU A 187 -14.49 -14.07 16.17
C LEU A 187 -13.43 -13.65 15.19
N ASN A 188 -12.18 -13.69 15.63
CA ASN A 188 -11.12 -13.31 14.75
C ASN A 188 -10.93 -14.29 13.60
N GLN A 189 -10.94 -15.58 13.92
CA GLN A 189 -10.89 -16.61 12.89
C GLN A 189 -12.13 -16.53 11.98
N ALA A 190 -13.30 -16.28 12.59
CA ALA A 190 -14.53 -16.18 11.81
C ALA A 190 -14.35 -15.16 10.70
N LEU A 191 -13.77 -14.00 11.03
CA LEU A 191 -13.59 -12.91 10.04
C LEU A 191 -12.57 -13.31 8.97
N ILE A 192 -11.46 -13.91 9.40
CA ILE A 192 -10.45 -14.34 8.45
C ILE A 192 -11.08 -15.30 7.44
N ASN A 193 -11.85 -16.26 7.95
CA ASN A 193 -12.37 -17.32 7.08
C ASN A 193 -13.55 -16.85 6.24
N TYR A 194 -14.42 -16.05 6.87
CA TYR A 194 -15.51 -15.46 6.11
C TYR A 194 -14.90 -14.54 5.01
N GLY A 195 -13.88 -13.80 5.36
CA GLY A 195 -13.26 -12.90 4.41
C GLY A 195 -12.69 -13.64 3.21
N LEU A 196 -11.94 -14.72 3.51
CA LEU A 196 -11.37 -15.59 2.46
C LEU A 196 -12.45 -16.21 1.58
N SER A 197 -13.53 -16.67 2.21
CA SER A 197 -14.60 -17.33 1.50
C SER A 197 -15.37 -16.35 0.63
N PHE A 198 -15.64 -15.17 1.20
CA PHE A 198 -16.32 -14.08 0.50
C PHE A 198 -15.55 -13.68 -0.77
N LEU A 199 -14.24 -13.47 -0.65
CA LEU A 199 -13.49 -12.95 -1.78
C LEU A 199 -13.34 -14.06 -2.80
N SER A 200 -13.15 -15.26 -2.29
CA SER A 200 -12.92 -16.39 -3.16
C SER A 200 -14.17 -16.67 -4.04
N SER A 201 -15.36 -16.54 -3.46
CA SER A 201 -16.58 -16.62 -4.27
C SER A 201 -16.66 -15.56 -5.37
N LYS A 202 -15.91 -14.48 -5.22
CA LYS A 202 -15.83 -13.47 -6.26
C LYS A 202 -14.62 -13.67 -7.17
N GLY A 203 -14.04 -14.86 -7.14
CA GLY A 203 -12.94 -15.18 -8.02
C GLY A 203 -11.56 -14.72 -7.59
N TYR A 204 -11.43 -14.20 -6.37
CA TYR A 204 -10.12 -13.88 -5.81
C TYR A 204 -9.41 -15.18 -5.43
N VAL A 205 -8.09 -15.20 -5.60
CA VAL A 205 -7.30 -16.37 -5.24
C VAL A 205 -6.73 -16.20 -3.83
N PRO A 206 -7.14 -17.06 -2.88
CA PRO A 206 -6.59 -16.95 -1.52
C PRO A 206 -5.09 -17.05 -1.59
N LEU A 207 -4.40 -16.23 -0.81
CA LEU A 207 -2.95 -16.17 -0.90
C LEU A 207 -2.38 -15.74 0.45
N GLN A 208 -1.76 -16.66 1.18
CA GLN A 208 -1.19 -16.33 2.50
C GLN A 208 0.22 -15.89 2.32
N ALA A 209 0.49 -14.63 2.64
CA ALA A 209 1.81 -14.02 2.42
C ALA A 209 2.75 -14.30 3.58
N PRO A 210 4.07 -14.30 3.31
CA PRO A 210 4.98 -14.50 4.45
C PRO A 210 5.09 -13.16 5.15
N VAL A 211 5.50 -13.09 6.43
CA VAL A 211 5.42 -11.81 7.11
C VAL A 211 6.77 -11.16 7.28
N MET A 212 7.81 -11.77 6.72
CA MET A 212 9.11 -11.12 6.62
C MET A 212 9.46 -10.85 5.16
N MET A 213 10.17 -9.75 4.92
CA MET A 213 10.62 -9.39 3.57
C MET A 213 12.07 -9.00 3.59
N ASN A 214 12.79 -9.36 2.52
CA ASN A 214 14.16 -8.88 2.31
C ASN A 214 14.15 -7.37 2.14
N LYS A 215 15.12 -6.69 2.73
CA LYS A 215 15.12 -5.23 2.70
C LYS A 215 14.98 -4.72 1.28
N GLU A 216 15.69 -5.36 0.37
CA GLU A 216 15.83 -4.85 -0.99
C GLU A 216 14.53 -4.90 -1.78
N VAL A 217 13.72 -5.93 -1.52
CA VAL A 217 12.44 -6.06 -2.20
C VAL A 217 11.41 -5.14 -1.56
N MET A 218 11.54 -4.94 -0.25
CA MET A 218 10.63 -4.05 0.47
C MET A 218 10.82 -2.65 -0.09
N ALA A 219 12.07 -2.27 -0.29
CA ALA A 219 12.40 -0.92 -0.74
C ALA A 219 11.78 -0.59 -2.08
N LYS A 220 11.51 -1.61 -2.90
CA LYS A 220 10.88 -1.36 -4.20
C LYS A 220 9.38 -1.18 -4.10
N THR A 221 8.77 -1.59 -2.99
CA THR A 221 7.33 -1.49 -2.95
C THR A 221 6.80 -0.44 -1.96
N ALA A 222 7.60 -0.08 -0.97
CA ALA A 222 7.20 0.94 0.02
C ALA A 222 8.07 2.19 0.00
N GLN A 223 7.48 3.35 0.30
CA GLN A 223 8.19 4.64 0.22
C GLN A 223 9.31 4.80 1.27
N LEU A 224 10.15 5.82 1.08
CA LEU A 224 11.30 6.09 1.96
C LEU A 224 10.87 6.30 3.42
N SER A 225 9.73 6.97 3.61
CA SER A 225 9.26 7.37 4.94
C SER A 225 8.86 6.19 5.82
N GLN A 226 8.57 5.05 5.20
CA GLN A 226 7.99 3.92 5.90
C GLN A 226 8.98 3.14 6.77
N PHE A 227 10.14 2.81 6.21
CA PHE A 227 11.13 1.99 6.92
C PHE A 227 11.54 2.63 8.24
N ASP A 228 12.15 3.80 8.15
CA ASP A 228 12.70 4.48 9.32
C ASP A 228 11.62 5.07 10.23
N GLU A 229 10.56 4.30 10.49
CA GLU A 229 9.49 4.80 11.34
C GLU A 229 8.37 3.80 11.59
N GLU A 230 8.01 3.03 10.58
CA GLU A 230 6.82 2.18 10.68
C GLU A 230 7.10 0.69 10.80
N LEU A 231 8.19 0.24 10.18
CA LEU A 231 8.48 -1.17 10.05
C LEU A 231 9.44 -1.72 11.09
N TYR A 232 9.07 -2.86 11.68
CA TYR A 232 9.98 -3.55 12.58
C TYR A 232 11.12 -4.16 11.76
N LYS A 233 12.34 -3.94 12.21
CA LYS A 233 13.47 -4.67 11.65
C LYS A 233 13.62 -6.01 12.38
N VAL A 234 13.95 -7.06 11.65
CA VAL A 234 14.17 -8.35 12.25
C VAL A 234 15.67 -8.70 12.11
N ILE A 235 16.29 -9.17 13.20
CA ILE A 235 17.68 -9.62 13.14
C ILE A 235 17.85 -11.14 12.96
N ASP A 236 18.49 -11.50 11.86
CA ASP A 236 18.67 -12.89 11.49
C ASP A 236 20.17 -13.23 11.51
N GLY A 237 20.71 -13.40 12.71
CA GLY A 237 22.15 -13.54 12.84
C GLY A 237 22.80 -12.27 12.36
N GLU A 238 23.26 -12.28 11.10
CA GLU A 238 23.93 -11.12 10.52
C GLU A 238 23.04 -10.39 9.52
N ASP A 239 21.96 -11.04 9.08
CA ASP A 239 21.08 -10.44 8.09
C ASP A 239 19.92 -9.66 8.72
N GLU A 240 19.29 -8.83 7.90
CA GLU A 240 18.13 -8.08 8.34
C GLU A 240 16.97 -8.22 7.34
N LYS A 241 15.77 -8.29 7.90
CA LYS A 241 14.56 -8.28 7.11
C LYS A 241 13.61 -7.33 7.80
N TYR A 242 12.44 -7.15 7.22
CA TYR A 242 11.39 -6.38 7.86
C TYR A 242 10.21 -7.28 8.14
N LEU A 243 9.47 -6.98 9.19
CA LEU A 243 8.15 -7.52 9.29
C LEU A 243 7.26 -6.63 8.43
N ILE A 244 6.35 -7.25 7.68
CA ILE A 244 5.46 -6.49 6.81
C ILE A 244 4.40 -5.71 7.61
N ALA A 245 4.00 -4.56 7.09
CA ALA A 245 2.91 -3.77 7.64
C ALA A 245 1.56 -4.22 7.09
N THR A 246 1.56 -4.98 6.00
CA THR A 246 0.35 -5.39 5.30
C THR A 246 0.77 -6.37 4.20
N SER A 247 -0.08 -7.36 3.92
CA SER A 247 0.28 -8.37 2.95
C SER A 247 0.40 -7.78 1.54
N GLU A 248 -0.14 -6.58 1.35
CA GLU A 248 0.02 -5.85 0.11
C GLU A 248 1.50 -5.67 -0.27
N GLN A 249 2.36 -5.59 0.73
CA GLN A 249 3.75 -5.39 0.39
C GLN A 249 4.29 -6.68 -0.25
N PRO A 250 4.22 -7.81 0.45
CA PRO A 250 4.78 -8.99 -0.23
C PRO A 250 3.98 -9.41 -1.48
N ILE A 251 2.67 -9.18 -1.49
CA ILE A 251 1.86 -9.65 -2.60
C ILE A 251 2.04 -8.77 -3.81
N SER A 252 2.34 -7.49 -3.59
CA SER A 252 2.64 -6.63 -4.73
C SER A 252 3.94 -7.08 -5.44
N ALA A 253 4.86 -7.71 -4.70
CA ALA A 253 6.12 -8.16 -5.27
C ALA A 253 5.97 -9.55 -5.90
N TYR A 254 4.80 -10.15 -5.71
CA TYR A 254 4.57 -11.53 -6.10
C TYR A 254 4.91 -11.78 -7.56
N HIS A 255 4.52 -10.86 -8.44
CA HIS A 255 4.74 -11.03 -9.87
C HIS A 255 5.83 -10.10 -10.34
N ALA A 256 6.67 -9.63 -9.42
CA ALA A 256 7.81 -8.79 -9.82
C ALA A 256 8.52 -9.47 -10.98
N GLY A 257 8.92 -8.71 -11.99
CA GLY A 257 9.75 -9.25 -13.06
C GLY A 257 9.04 -10.17 -14.02
N GLU A 258 7.73 -10.33 -13.87
CA GLU A 258 6.91 -11.11 -14.80
C GLU A 258 6.23 -10.23 -15.84
N TRP A 259 5.56 -10.89 -16.78
CA TRP A 259 5.05 -10.22 -17.97
C TRP A 259 3.74 -10.85 -18.36
N PHE A 260 2.66 -10.08 -18.23
CA PHE A 260 1.37 -10.50 -18.72
C PHE A 260 1.28 -10.08 -20.18
N GLU A 261 1.76 -10.97 -21.04
CA GLU A 261 1.92 -10.71 -22.47
C GLU A 261 0.60 -10.81 -23.23
N SER A 262 -0.38 -11.50 -22.64
CA SER A 262 -1.71 -11.60 -23.24
C SER A 262 -2.74 -11.11 -22.23
N PRO A 263 -2.70 -9.81 -21.96
CA PRO A 263 -3.48 -9.20 -20.88
C PRO A 263 -4.99 -9.50 -20.96
N ALA A 264 -5.59 -9.38 -22.14
CA ALA A 264 -7.02 -9.63 -22.33
C ALA A 264 -7.51 -10.92 -21.70
N GLU A 265 -6.72 -11.98 -21.84
CA GLU A 265 -7.07 -13.28 -21.30
C GLU A 265 -6.45 -13.55 -19.91
N GLN A 266 -5.33 -12.90 -19.61
CA GLN A 266 -4.58 -13.16 -18.36
C GLN A 266 -5.00 -12.26 -17.20
N LEU A 267 -5.42 -11.05 -17.52
CA LEU A 267 -5.78 -10.09 -16.51
C LEU A 267 -7.30 -9.96 -16.54
N PRO A 268 -7.88 -9.47 -15.44
CA PRO A 268 -7.19 -9.13 -14.17
C PRO A 268 -6.84 -10.32 -13.31
N VAL A 269 -5.85 -10.15 -12.44
CA VAL A 269 -5.52 -11.16 -11.45
C VAL A 269 -5.96 -10.64 -10.10
N ARG A 270 -6.73 -11.43 -9.36
CA ARG A 270 -7.22 -10.94 -8.08
C ARG A 270 -6.81 -11.82 -6.91
N TYR A 271 -6.17 -11.22 -5.90
CA TYR A 271 -5.74 -12.00 -4.74
C TYR A 271 -6.45 -11.60 -3.46
N ALA A 272 -6.89 -12.61 -2.70
CA ALA A 272 -7.41 -12.41 -1.37
C ALA A 272 -6.25 -12.64 -0.42
N GLY A 273 -5.51 -11.60 -0.13
CA GLY A 273 -4.31 -11.72 0.70
C GLY A 273 -4.70 -11.90 2.16
N TYR A 274 -4.00 -12.79 2.85
CA TYR A 274 -4.18 -12.95 4.29
C TYR A 274 -2.83 -12.98 4.94
N SER A 275 -2.63 -12.18 5.99
CA SER A 275 -1.43 -12.30 6.80
C SER A 275 -1.62 -11.58 8.11
N SER A 276 -0.66 -11.71 9.04
CA SER A 276 -0.57 -10.75 10.13
C SER A 276 0.22 -9.52 9.64
N CYS A 277 0.12 -8.43 10.38
CA CYS A 277 0.63 -7.14 9.97
C CYS A 277 1.20 -6.55 11.23
N PHE A 278 2.31 -5.84 11.09
CA PHE A 278 3.06 -5.34 12.23
C PHE A 278 3.36 -3.87 12.02
N ARG A 279 3.01 -3.08 13.03
CA ARG A 279 3.21 -1.64 12.95
C ARG A 279 3.88 -1.08 14.19
N ARG A 280 5.03 -0.43 14.02
CA ARG A 280 5.72 0.19 15.15
C ARG A 280 4.90 1.30 15.78
N GLU A 281 4.09 1.97 14.97
CA GLU A 281 3.25 3.08 15.42
C GLU A 281 1.82 2.65 15.76
N ALA A 282 1.47 2.81 17.02
CA ALA A 282 0.11 2.52 17.46
C ALA A 282 -0.26 3.35 18.71
N GLY A 283 0.05 4.64 18.68
CA GLY A 283 -0.26 5.52 19.80
C GLY A 283 0.98 6.08 20.47
N ALA A 289 -6.96 4.30 22.02
CA ALA A 289 -6.69 4.10 23.45
C ALA A 289 -6.61 2.60 23.82
N TRP A 290 -7.39 2.18 24.82
CA TRP A 290 -7.42 0.78 25.23
C TRP A 290 -8.18 -0.06 24.20
N GLY A 291 -7.98 -1.38 24.20
CA GLY A 291 -8.62 -2.25 23.23
C GLY A 291 -7.74 -2.70 22.05
N ILE A 292 -8.37 -3.33 21.06
CA ILE A 292 -7.67 -3.91 19.93
C ILE A 292 -7.96 -3.15 18.63
N PHE A 293 -8.28 -1.87 18.76
CA PHE A 293 -8.56 -1.04 17.62
C PHE A 293 -7.29 -0.53 16.93
N ARG A 294 -6.33 -0.07 17.70
CA ARG A 294 -5.07 0.44 17.17
C ARG A 294 -4.01 -0.30 17.98
N VAL A 295 -3.41 -1.33 17.38
CA VAL A 295 -2.43 -2.19 18.06
C VAL A 295 -1.22 -2.44 17.17
N HIS A 296 -0.19 -3.11 17.68
CA HIS A 296 1.06 -3.31 16.89
C HIS A 296 1.06 -4.53 15.96
N ALA A 297 0.18 -5.49 16.25
CA ALA A 297 0.05 -6.71 15.47
C ALA A 297 -1.43 -7.06 15.29
N PHE A 298 -1.78 -7.51 14.09
CA PHE A 298 -3.18 -7.82 13.80
C PHE A 298 -3.29 -8.52 12.46
N GLU A 299 -4.45 -9.07 12.16
CA GLU A 299 -4.61 -9.78 10.90
C GLU A 299 -5.43 -8.96 9.90
N LYS A 300 -5.13 -9.16 8.62
CA LYS A 300 -5.81 -8.41 7.58
C LYS A 300 -6.05 -9.32 6.36
N ILE A 301 -7.31 -9.40 5.95
CA ILE A 301 -7.64 -9.88 4.61
C ILE A 301 -7.59 -8.68 3.67
N GLU A 302 -6.71 -8.77 2.68
CA GLU A 302 -6.44 -7.66 1.78
C GLU A 302 -6.84 -7.99 0.33
N GLN A 303 -7.52 -7.11 -0.39
CA GLN A 303 -7.72 -7.30 -1.83
C GLN A 303 -6.50 -6.77 -2.59
N PHE A 304 -5.91 -7.58 -3.46
CA PHE A 304 -4.88 -7.08 -4.35
C PHE A 304 -5.14 -7.48 -5.79
N VAL A 305 -5.09 -6.51 -6.69
CA VAL A 305 -5.47 -6.74 -8.06
C VAL A 305 -4.52 -6.11 -9.05
N LEU A 306 -4.26 -6.86 -10.11
CA LEU A 306 -3.52 -6.39 -11.24
C LEU A 306 -4.47 -6.31 -12.42
N THR A 307 -4.46 -5.20 -13.13
CA THR A 307 -5.31 -5.07 -14.31
C THR A 307 -4.51 -4.40 -15.40
N GLU A 308 -5.08 -4.41 -16.59
CA GLU A 308 -4.56 -3.57 -17.67
C GLU A 308 -4.72 -2.14 -17.24
N PRO A 309 -3.84 -1.25 -17.75
CA PRO A 309 -4.01 0.18 -17.48
C PRO A 309 -5.43 0.69 -17.79
N GLU A 310 -6.00 0.26 -18.91
CA GLU A 310 -7.28 0.81 -19.36
C GLU A 310 -8.45 0.32 -18.50
N LYS A 311 -8.18 -0.55 -17.54
CA LYS A 311 -9.28 -1.10 -16.76
C LYS A 311 -9.24 -0.79 -15.28
N SER A 312 -8.20 -0.12 -14.81
CA SER A 312 -8.01 0.04 -13.37
C SER A 312 -9.13 0.84 -12.65
N TRP A 313 -9.57 1.96 -13.25
CA TRP A 313 -10.62 2.81 -12.65
C TRP A 313 -11.94 2.08 -12.45
N GLU A 314 -12.31 1.28 -13.45
CA GLU A 314 -13.46 0.40 -13.33
C GLU A 314 -13.22 -0.65 -12.22
N GLU A 315 -11.99 -1.13 -12.11
CA GLU A 315 -11.69 -2.13 -11.12
C GLU A 315 -11.78 -1.50 -9.75
N PHE A 316 -11.23 -0.30 -9.64
CA PHE A 316 -11.25 0.46 -8.40
C PHE A 316 -12.67 0.51 -7.85
N ASP A 317 -13.63 0.84 -8.72
CA ASP A 317 -15.03 0.85 -8.30
C ASP A 317 -15.49 -0.54 -7.84
N ARG A 318 -15.12 -1.57 -8.60
CA ARG A 318 -15.41 -2.96 -8.25
CA ARG A 318 -15.48 -2.94 -8.21
C ARG A 318 -14.90 -3.32 -6.84
N MET A 319 -13.66 -2.92 -6.57
CA MET A 319 -13.03 -3.22 -5.28
C MET A 319 -13.69 -2.58 -4.06
N ILE A 320 -14.06 -1.30 -4.17
CA ILE A 320 -14.63 -0.64 -3.02
C ILE A 320 -16.04 -1.23 -2.88
N GLY A 321 -16.65 -1.54 -4.04
CA GLY A 321 -17.91 -2.24 -4.06
C GLY A 321 -17.87 -3.51 -3.22
N CYS A 322 -16.81 -4.30 -3.35
CA CYS A 322 -16.68 -5.52 -2.56
C CYS A 322 -16.59 -5.30 -1.06
N SER A 323 -15.77 -4.34 -0.65
CA SER A 323 -15.69 -4.06 0.78
C SER A 323 -17.04 -3.56 1.34
N GLU A 324 -17.71 -2.70 0.58
CA GLU A 324 -19.04 -2.25 0.96
C GLU A 324 -19.97 -3.47 1.10
N GLU A 325 -19.97 -4.34 0.10
CA GLU A 325 -20.89 -5.47 0.13
C GLU A 325 -20.61 -6.30 1.39
N PHE A 326 -19.32 -6.41 1.69
CA PHE A 326 -18.86 -7.11 2.88
C PHE A 326 -19.36 -6.51 4.22
N TYR A 327 -19.23 -5.19 4.39
CA TYR A 327 -19.71 -4.55 5.62
C TYR A 327 -21.23 -4.54 5.70
N GLN A 328 -21.88 -4.51 4.53
CA GLN A 328 -23.33 -4.58 4.50
C GLN A 328 -23.73 -5.94 5.07
N SER A 329 -23.03 -6.98 4.62
CA SER A 329 -23.38 -8.33 5.04
C SER A 329 -23.22 -8.47 6.56
N LEU A 330 -22.29 -7.74 7.17
CA LEU A 330 -22.14 -7.75 8.63
C LEU A 330 -23.09 -6.73 9.31
N GLY A 331 -23.83 -5.98 8.51
CA GLY A 331 -24.82 -5.09 9.06
C GLY A 331 -24.25 -3.85 9.74
N LEU A 332 -23.06 -3.44 9.31
CA LEU A 332 -22.36 -2.32 9.91
C LEU A 332 -22.51 -1.04 9.07
N PRO A 333 -23.11 0.03 9.66
CA PRO A 333 -23.29 1.28 8.93
C PRO A 333 -21.93 1.88 8.65
N TYR A 334 -21.81 2.59 7.55
CA TYR A 334 -20.52 3.14 7.17
C TYR A 334 -20.75 4.31 6.21
N ARG A 335 -19.66 5.00 5.88
CA ARG A 335 -19.63 5.95 4.77
C ARG A 335 -18.34 5.74 3.99
N VAL A 336 -18.35 6.13 2.73
CA VAL A 336 -17.15 6.08 1.89
C VAL A 336 -16.72 7.52 1.58
N VAL A 337 -15.45 7.82 1.81
CA VAL A 337 -14.94 9.19 1.64
C VAL A 337 -13.74 9.24 0.69
N GLY A 338 -13.65 10.30 -0.09
CA GLY A 338 -12.56 10.49 -1.02
C GLY A 338 -11.47 11.32 -0.38
N ILE A 339 -10.36 10.68 -0.06
CA ILE A 339 -9.22 11.30 0.61
C ILE A 339 -8.59 12.46 -0.17
N VAL A 340 -8.35 13.58 0.54
CA VAL A 340 -7.85 14.79 -0.10
C VAL A 340 -6.42 14.59 -0.58
N SER A 341 -6.06 15.29 -1.66
CA SER A 341 -4.76 15.14 -2.29
C SER A 341 -3.58 15.17 -1.31
N GLY A 342 -3.62 16.10 -0.36
CA GLY A 342 -2.54 16.29 0.59
C GLY A 342 -2.33 15.15 1.56
N GLU A 343 -3.19 14.13 1.50
CA GLU A 343 -3.10 12.97 2.40
C GLU A 343 -2.84 11.67 1.68
N LEU A 344 -2.72 11.71 0.36
CA LEU A 344 -2.35 10.51 -0.39
C LEU A 344 -0.87 10.17 -0.14
N ASN A 345 -0.59 8.90 0.08
CA ASN A 345 0.79 8.41 0.06
C ASN A 345 1.33 8.48 -1.37
N ASN A 346 2.65 8.38 -1.51
CA ASN A 346 3.28 8.52 -2.82
C ASN A 346 2.71 7.67 -3.95
N ALA A 347 2.36 6.42 -3.68
CA ALA A 347 1.93 5.51 -4.75
C ALA A 347 0.49 5.69 -5.25
N ALA A 348 -0.36 6.33 -4.44
CA ALA A 348 -1.78 6.40 -4.76
C ALA A 348 -2.12 7.57 -5.67
N ALA A 349 -2.87 7.29 -6.74
CA ALA A 349 -3.40 8.35 -7.60
C ALA A 349 -4.80 8.74 -7.09
N LYS A 350 -5.42 7.80 -6.37
CA LYS A 350 -6.75 7.97 -5.82
C LYS A 350 -6.99 6.99 -4.68
N LYS A 351 -7.67 7.46 -3.63
CA LYS A 351 -7.90 6.67 -2.43
C LYS A 351 -9.31 6.91 -1.86
N TYR A 352 -10.04 5.83 -1.56
CA TYR A 352 -11.33 5.93 -0.89
C TYR A 352 -11.17 5.23 0.43
N ASP A 353 -11.77 5.75 1.50
CA ASP A 353 -11.80 5.02 2.76
C ASP A 353 -13.24 4.69 3.12
N LEU A 354 -13.45 3.51 3.67
CA LEU A 354 -14.73 3.17 4.22
C LEU A 354 -14.55 3.33 5.72
N GLU A 355 -15.38 4.16 6.32
CA GLU A 355 -15.33 4.38 7.75
C GLU A 355 -16.66 3.89 8.30
N ALA A 356 -16.60 2.89 9.18
CA ALA A 356 -17.81 2.34 9.75
C ALA A 356 -18.22 3.11 11.02
N TRP A 357 -19.51 3.12 11.30
CA TRP A 357 -20.01 3.80 12.46
C TRP A 357 -19.73 3.06 13.76
N PHE A 358 -19.12 3.76 14.72
CA PHE A 358 -18.93 3.23 16.07
C PHE A 358 -19.87 3.97 17.00
N PRO A 359 -20.99 3.32 17.38
CA PRO A 359 -22.09 4.01 18.07
C PRO A 359 -21.75 4.45 19.49
N PHE A 360 -20.78 3.82 20.16
CA PHE A 360 -20.42 4.31 21.49
C PHE A 360 -19.52 5.52 21.32
N GLN A 361 -18.53 5.37 20.45
CA GLN A 361 -17.58 6.44 20.18
C GLN A 361 -18.39 7.59 19.64
N GLN A 362 -19.50 7.22 19.01
CA GLN A 362 -20.32 8.12 18.19
C GLN A 362 -19.57 8.81 17.09
N GLU A 363 -18.75 8.07 16.36
CA GLU A 363 -18.09 8.59 15.17
C GLU A 363 -17.75 7.48 14.18
N TYR A 364 -17.52 7.92 12.95
CA TYR A 364 -17.11 7.05 11.87
C TYR A 364 -15.63 6.84 12.01
N LYS A 365 -15.18 5.60 11.88
CA LYS A 365 -13.75 5.34 11.96
C LYS A 365 -13.35 4.40 10.83
N GLU A 366 -12.15 4.62 10.31
CA GLU A 366 -11.73 3.95 9.10
C GLU A 366 -11.51 2.45 9.29
N LEU A 367 -12.13 1.63 8.44
CA LEU A 367 -11.94 0.18 8.47
C LEU A 367 -11.28 -0.35 7.19
N VAL A 368 -11.31 0.47 6.16
CA VAL A 368 -10.96 0.01 4.85
C VAL A 368 -10.38 1.16 4.11
N SER A 369 -9.35 0.90 3.32
CA SER A 369 -8.68 1.90 2.54
C SER A 369 -8.47 1.29 1.15
N CYS A 370 -8.87 2.00 0.10
CA CYS A 370 -8.85 1.43 -1.24
C CYS A 370 -8.17 2.39 -2.23
N SER A 371 -7.12 1.94 -2.91
CA SER A 371 -6.26 2.83 -3.69
C SER A 371 -5.98 2.32 -5.06
N ASN A 372 -6.13 3.16 -6.07
CA ASN A 372 -5.57 2.85 -7.36
C ASN A 372 -4.18 3.45 -7.43
N CYS A 373 -3.17 2.59 -7.57
CA CYS A 373 -1.77 3.03 -7.66
C CYS A 373 -1.27 3.02 -9.09
N THR A 374 -2.20 2.90 -10.04
CA THR A 374 -1.83 2.81 -11.46
C THR A 374 -0.55 1.99 -11.64
N ASP A 375 0.41 2.50 -12.40
CA ASP A 375 1.65 1.72 -12.64
C ASP A 375 2.85 2.19 -11.82
N TYR A 376 2.61 2.90 -10.74
CA TYR A 376 3.70 3.48 -9.98
C TYR A 376 4.60 2.41 -9.34
N GLN A 377 4.00 1.35 -8.80
CA GLN A 377 4.80 0.28 -8.21
C GLN A 377 5.25 -0.76 -9.22
N SER A 378 4.37 -1.12 -10.16
CA SER A 378 4.71 -2.10 -11.18
C SER A 378 5.88 -1.65 -12.05
N ARG A 379 6.00 -0.34 -12.27
CA ARG A 379 7.21 0.18 -12.91
C ARG A 379 8.47 -0.23 -12.16
N ASN A 380 8.50 0.01 -10.85
CA ASN A 380 9.62 -0.40 -10.03
C ASN A 380 9.91 -1.90 -10.04
N LEU A 381 8.83 -2.66 -9.91
CA LEU A 381 8.87 -4.12 -9.81
C LEU A 381 8.96 -4.80 -11.19
N GLU A 382 8.97 -4.01 -12.26
CA GLU A 382 9.04 -4.55 -13.62
C GLU A 382 7.96 -5.62 -13.87
N ILE A 383 6.70 -5.26 -13.63
CA ILE A 383 5.57 -6.12 -13.95
C ILE A 383 4.88 -5.63 -15.21
N ARG A 384 5.28 -6.14 -16.36
CA ARG A 384 4.86 -5.60 -17.64
C ARG A 384 3.50 -6.09 -18.12
N CYS A 385 2.94 -5.35 -19.05
CA CYS A 385 1.62 -5.64 -19.55
C CYS A 385 1.53 -5.44 -21.07
N GLY A 386 1.18 -6.52 -21.76
CA GLY A 386 1.07 -6.55 -23.22
C GLY A 386 2.24 -6.05 -24.06
N ILE A 387 1.91 -5.69 -25.30
CA ILE A 387 2.87 -5.18 -26.28
C ILE A 387 2.70 -3.68 -26.48
N GLU A 394 7.68 4.57 -22.79
CA GLU A 394 7.56 3.56 -23.84
C GLU A 394 7.05 2.22 -23.30
N LYS A 395 7.74 1.65 -22.31
CA LYS A 395 7.32 0.40 -21.65
C LYS A 395 5.96 0.51 -20.96
N LYS A 396 5.16 -0.54 -21.08
CA LYS A 396 3.82 -0.56 -20.52
C LYS A 396 3.73 -1.57 -19.36
N TYR A 397 3.29 -1.08 -18.21
CA TYR A 397 3.14 -1.90 -17.01
C TYR A 397 1.66 -2.10 -16.63
N VAL A 398 1.40 -3.10 -15.80
CA VAL A 398 0.05 -3.33 -15.29
C VAL A 398 -0.30 -2.21 -14.32
N HIS A 399 -1.56 -2.10 -13.94
CA HIS A 399 -1.89 -1.18 -12.84
C HIS A 399 -2.09 -2.02 -11.60
N CYS A 400 -1.76 -1.48 -10.44
CA CYS A 400 -1.94 -2.21 -9.20
C CYS A 400 -2.87 -1.44 -8.30
N LEU A 401 -3.86 -2.15 -7.77
CA LEU A 401 -4.81 -1.62 -6.82
C LEU A 401 -4.79 -2.49 -5.57
N ASN A 402 -5.04 -1.88 -4.41
CA ASN A 402 -5.12 -2.63 -3.17
C ASN A 402 -6.24 -2.04 -2.33
N SER A 403 -7.01 -2.88 -1.64
CA SER A 403 -8.08 -2.43 -0.77
C SER A 403 -8.27 -3.38 0.39
N THR A 404 -8.19 -2.90 1.62
CA THR A 404 -8.46 -3.78 2.75
C THR A 404 -9.81 -4.46 2.56
N LEU A 405 -9.91 -5.77 2.81
CA LEU A 405 -11.28 -6.29 2.96
C LEU A 405 -11.63 -6.14 4.41
N SER A 406 -10.75 -6.60 5.30
CA SER A 406 -11.03 -6.52 6.72
C SER A 406 -9.77 -6.59 7.53
N ALA A 407 -9.53 -5.57 8.34
CA ALA A 407 -8.56 -5.67 9.41
C ALA A 407 -9.38 -6.27 10.54
N THR A 408 -9.09 -7.53 10.88
CA THR A 408 -10.04 -8.31 11.65
C THR A 408 -10.27 -7.87 13.10
N GLU A 409 -9.20 -7.49 13.82
CA GLU A 409 -9.36 -7.02 15.19
C GLU A 409 -10.16 -5.73 15.20
N ARG A 410 -9.85 -4.84 14.27
CA ARG A 410 -10.57 -3.58 14.20
C ARG A 410 -12.03 -3.81 13.78
N THR A 411 -12.26 -4.71 12.82
CA THR A 411 -13.62 -5.07 12.46
C THR A 411 -14.41 -5.67 13.64
N ILE A 412 -13.72 -6.45 14.47
CA ILE A 412 -14.32 -6.95 15.70
C ILE A 412 -14.81 -5.80 16.58
N CYS A 413 -13.97 -4.78 16.76
CA CYS A 413 -14.35 -3.63 17.57
C CYS A 413 -15.66 -3.02 17.09
N CYS A 414 -15.77 -2.84 15.78
CA CYS A 414 -16.98 -2.23 15.25
C CYS A 414 -18.18 -3.12 15.53
N ILE A 415 -18.01 -4.42 15.32
CA ILE A 415 -19.01 -5.41 15.66
C ILE A 415 -19.43 -5.37 17.13
N LEU A 416 -18.45 -5.26 18.02
CA LEU A 416 -18.72 -5.33 19.45
C LEU A 416 -19.65 -4.19 19.82
N GLU A 417 -19.39 -3.01 19.27
CA GLU A 417 -20.20 -1.83 19.62
C GLU A 417 -21.58 -1.91 19.00
N ASN A 418 -21.68 -2.47 17.80
CA ASN A 418 -22.97 -2.56 17.14
C ASN A 418 -23.81 -3.79 17.47
N TYR A 419 -23.19 -4.79 18.09
CA TYR A 419 -23.91 -6.02 18.37
C TYR A 419 -24.13 -6.21 19.86
N GLN A 420 -23.77 -5.19 20.64
CA GLN A 420 -23.94 -5.29 22.09
C GLN A 420 -25.42 -5.15 22.46
N LYS A 421 -25.79 -5.79 23.58
CA LYS A 421 -27.03 -5.45 24.24
C LYS A 421 -26.88 -5.68 25.74
N GLU A 422 -27.96 -5.51 26.49
CA GLU A 422 -27.89 -5.48 27.94
C GLU A 422 -27.11 -6.67 28.53
N ASP A 423 -27.33 -7.86 27.99
CA ASP A 423 -26.80 -9.07 28.61
C ASP A 423 -25.68 -9.82 27.83
N GLY A 424 -25.18 -9.25 26.75
CA GLY A 424 -24.11 -9.87 25.99
C GLY A 424 -24.03 -9.40 24.56
N LEU A 425 -23.52 -10.24 23.67
CA LEU A 425 -23.31 -9.89 22.26
C LEU A 425 -24.08 -10.82 21.33
N VAL A 426 -24.91 -10.24 20.49
CA VAL A 426 -25.42 -10.95 19.32
C VAL A 426 -24.24 -11.28 18.37
N ILE A 427 -24.20 -12.50 17.88
CA ILE A 427 -23.17 -12.87 16.93
C ILE A 427 -23.70 -12.57 15.55
N PRO A 428 -22.99 -11.75 14.75
CA PRO A 428 -23.47 -11.44 13.41
C PRO A 428 -23.81 -12.70 12.65
N GLU A 429 -24.98 -12.68 12.04
CA GLU A 429 -25.53 -13.85 11.39
C GLU A 429 -24.52 -14.57 10.47
N VAL A 430 -23.87 -13.84 9.55
CA VAL A 430 -22.92 -14.48 8.61
C VAL A 430 -21.68 -15.14 9.24
N LEU A 431 -21.33 -14.72 10.45
CA LEU A 431 -20.18 -15.29 11.12
C LEU A 431 -20.53 -16.56 11.89
N ARG A 432 -21.81 -16.81 12.14
CA ARG A 432 -22.20 -17.94 13.01
C ARG A 432 -21.64 -19.30 12.52
N LYS A 433 -21.81 -19.60 11.24
CA LYS A 433 -21.35 -20.88 10.70
C LYS A 433 -19.85 -21.08 10.86
N TYR A 434 -19.10 -20.01 11.19
CA TYR A 434 -17.63 -20.12 11.33
C TYR A 434 -17.20 -20.34 12.78
N ILE A 435 -18.17 -20.50 13.67
CA ILE A 435 -17.92 -20.52 15.11
C ILE A 435 -18.45 -21.80 15.72
N PRO A 436 -17.59 -22.52 16.45
CA PRO A 436 -18.02 -23.81 17.03
C PRO A 436 -19.30 -23.58 17.82
N GLY A 437 -20.32 -24.37 17.52
CA GLY A 437 -21.62 -24.22 18.15
C GLY A 437 -22.57 -23.24 17.45
N GLU A 438 -22.09 -22.56 16.41
CA GLU A 438 -22.87 -21.56 15.69
C GLU A 438 -23.80 -20.77 16.60
N PRO A 439 -23.26 -20.20 17.67
CA PRO A 439 -24.09 -19.44 18.61
C PRO A 439 -24.68 -18.21 17.92
N GLU A 440 -25.89 -17.82 18.33
CA GLU A 440 -26.50 -16.59 17.85
C GLU A 440 -26.22 -15.46 18.82
N PHE A 441 -25.70 -15.82 20.00
CA PHE A 441 -25.56 -14.87 21.08
C PHE A 441 -24.56 -15.39 22.11
N ILE A 442 -23.80 -14.49 22.70
CA ILE A 442 -22.93 -14.90 23.77
C ILE A 442 -23.07 -13.93 24.92
N PRO A 443 -23.09 -14.47 26.13
CA PRO A 443 -23.37 -13.67 27.32
C PRO A 443 -22.11 -13.03 27.92
N TYR A 444 -22.31 -11.86 28.49
CA TYR A 444 -21.30 -11.23 29.32
C TYR A 444 -20.94 -12.15 30.50
N ILE A 445 -19.65 -12.31 30.74
CA ILE A 445 -19.15 -13.25 31.74
C ILE A 445 -18.66 -12.44 32.93
N LYS A 446 -18.27 -11.19 32.66
CA LYS A 446 -17.54 -10.40 33.62
C LYS A 446 -18.21 -9.06 33.82
N GLU A 447 -18.23 -8.58 35.05
CA GLU A 447 -18.69 -7.24 35.30
C GLU A 447 -17.47 -6.35 35.14
N LEU A 448 -17.70 -5.08 34.82
CA LEU A 448 -16.63 -4.08 34.78
C LEU A 448 -16.47 -3.41 36.14
N PRO A 449 -15.24 -2.96 36.45
CA PRO A 449 -15.02 -2.14 37.65
C PRO A 449 -15.88 -0.86 37.66
N LYS A 450 -15.91 -0.15 36.53
CA LYS A 450 -16.62 1.12 36.42
C LYS A 450 -18.15 0.99 36.60
N ASN A 451 -18.64 1.35 37.79
CA ASN A 451 -20.09 1.54 38.08
C ASN A 451 -20.53 1.17 39.51
#